data_2LXQ
#
_entry.id   2LXQ
#
_entity_poly.entity_id   1
_entity_poly.type   'polydeoxyribonucleotide'
_entity_poly.pdbx_seq_one_letter_code
;(DT)(DA)(DG)(DG)(DG)(DT)(DG)(DG)(DG)(DT)(DT)(DG)(DG)(DG)(DT)(DG)(DG)(DG)(DG)(DA)
(DA)(DT)
;
_entity_poly.pdbx_strand_id   A
#
loop_
_chem_comp.id
_chem_comp.type
_chem_comp.name
_chem_comp.formula
DA DNA linking 2'-DEOXYADENOSINE-5'-MONOPHOSPHATE 'C10 H14 N5 O6 P'
DG DNA linking 2'-DEOXYGUANOSINE-5'-MONOPHOSPHATE 'C10 H14 N5 O7 P'
DT DNA linking THYMIDINE-5'-MONOPHOSPHATE 'C10 H15 N2 O8 P'
#